data_5FK4
#
_entry.id   5FK4
#
_cell.length_a   57.550
_cell.length_b   57.550
_cell.length_c   155.620
_cell.angle_alpha   90.00
_cell.angle_beta   90.00
_cell.angle_gamma   90.00
#
_symmetry.space_group_name_H-M   'P 43 21 2'
#
loop_
_entity.id
_entity.type
_entity.pdbx_description
1 polymer 'SAM-I RIBOSWITCH'
2 non-polymer S-ADENOSYLMETHIONINE
3 non-polymer 'BARIUM ION'
4 water water
#
_entity_poly.entity_id   1
_entity_poly.type   'polyribonucleotide'
_entity_poly.pdbx_seq_one_letter_code
;GGCUUAUCAAGAGAGGGUGAGCGACUGGCGCGAAGAUCCCCGGCAACCAGAAAUGGUGCCAAUUCCUGCAGCGGAAACGU
UGAAAGAUGAGCC
;
_entity_poly.pdbx_strand_id   A
#